data_4G87
#
_entry.id   4G87
#
_cell.length_a   77.000
_cell.length_b   77.000
_cell.length_c   276.730
_cell.angle_alpha   90.00
_cell.angle_beta   90.00
_cell.angle_gamma   120.00
#
_symmetry.space_group_name_H-M   'H 3'
#
loop_
_entity.id
_entity.type
_entity.pdbx_description
1 polymer 'Bifunctional protein GlmU'
2 non-polymer 'MAGNESIUM ION'
3 non-polymer 'COBALT (II) ION'
4 non-polymer URIDINE-DIPHOSPHATE-N-ACETYLGLUCOSAMINE
5 non-polymer 'PYROPHOSPHATE 2-'
6 water water
#
_entity_poly.entity_id   1
_entity_poly.type   'polypeptide(L)'
_entity_poly.pdbx_seq_one_letter_code
;HHHHHHMTFPGDTAVLVLAAGPGTRMRSDTPKVLHTLAGRSMLSHVLHAIAKLAPQRLIVVLGHDHQRIAPLVGELADTL
GRTIDVALQDRPLGTGHAVLCGLSALPDDYAGNVVVTSGDTPLLDADTLADLIATHRAVSAAVTVLTTTLDDPFGYGRIL
RTQDHEVMAIVEQTDATPSQREIREVNAGVYAFDIAALRSALSRLSSNNAQQELYLTDVIAILRSDGQTVHASHVDDSAL
VAGVNNRVQLAELASELNRRVVAAHQLAGVTVVDPATTWIDVDVTIGRDTVIHPGTQLLGRTQIGGRCVVGPDTTLTDVA
VGDGASVVRTHGSSSSIGDGAAVGPFTYLRPGTALGADGKLGAFVEVKNSTIGTGTKVPHLTYVGDADIGEYSNIGASSV
FVNYDGTSKRRTTVGSHVRTGSDTMFVAPVTIGDGAYTGAGTVVREDVPPGALAVSAGPQRNIENWVQRKRPGSPAAQAS
KRASEMACQQPTQPPDADQTP
;
_entity_poly.pdbx_strand_id   A
#
# COMPACT_ATOMS: atom_id res chain seq x y z
N ASP A 12 -30.80 8.34 -1.40
CA ASP A 12 -29.89 9.17 -2.28
C ASP A 12 -28.84 9.99 -1.50
N THR A 13 -27.56 9.64 -1.64
CA THR A 13 -26.52 10.37 -0.87
C THR A 13 -25.37 10.89 -1.68
N ALA A 14 -24.84 12.03 -1.27
CA ALA A 14 -23.64 12.58 -1.90
C ALA A 14 -22.51 12.51 -0.84
N VAL A 15 -21.32 12.05 -1.23
CA VAL A 15 -20.22 11.98 -0.23
C VAL A 15 -19.18 12.99 -0.65
N LEU A 16 -18.82 13.86 0.27
CA LEU A 16 -17.70 14.82 0.09
C LEU A 16 -16.42 14.34 0.85
N VAL A 17 -15.27 14.36 0.18
CA VAL A 17 -14.04 14.05 0.83
C VAL A 17 -13.21 15.33 0.84
N LEU A 18 -12.83 15.77 2.04
CA LEU A 18 -12.07 16.97 2.22
C LEU A 18 -10.61 16.62 2.14
N ALA A 19 -9.97 17.12 1.11
CA ALA A 19 -8.62 16.77 0.79
C ALA A 19 -7.83 17.99 0.30
N ALA A 20 -8.21 19.20 0.70
CA ALA A 20 -7.60 20.42 0.15
C ALA A 20 -6.71 21.17 1.16
N GLY A 21 -6.54 20.59 2.36
CA GLY A 21 -5.72 21.18 3.39
C GLY A 21 -4.25 21.17 2.96
N PRO A 22 -3.40 22.04 3.55
CA PRO A 22 -1.97 22.09 3.21
C PRO A 22 -1.13 20.94 3.85
N GLY A 23 -1.62 20.29 4.88
CA GLY A 23 -0.94 19.17 5.44
C GLY A 23 0.37 19.57 6.08
N THR A 24 0.41 20.75 6.73
CA THR A 24 1.69 21.31 7.20
C THR A 24 2.37 20.38 8.26
N ARG A 25 1.58 19.68 9.06
CA ARG A 25 2.12 18.87 10.15
C ARG A 25 2.83 17.60 9.66
N MET A 26 2.56 17.24 8.41
CA MET A 26 3.36 16.16 7.79
C MET A 26 4.80 16.58 7.50
N ARG A 27 5.05 17.89 7.34
CA ARG A 27 6.45 18.37 7.01
C ARG A 27 6.99 17.63 5.81
N SER A 28 6.20 17.68 4.74
CA SER A 28 6.54 16.94 3.53
C SER A 28 6.31 17.76 2.27
N ASP A 29 7.11 17.50 1.23
CA ASP A 29 6.82 18.07 -0.04
C ASP A 29 5.92 17.16 -0.82
N THR A 30 5.44 16.02 -0.24
CA THR A 30 4.37 15.25 -0.91
C THR A 30 3.05 15.57 -0.24
N PRO A 31 1.98 15.91 -1.02
CA PRO A 31 0.69 16.25 -0.38
C PRO A 31 0.28 15.15 0.59
N LYS A 32 -0.16 15.54 1.78
CA LYS A 32 -0.55 14.65 2.88
C LYS A 32 -1.33 13.43 2.42
N VAL A 33 -2.33 13.68 1.62
CA VAL A 33 -3.32 12.68 1.29
C VAL A 33 -2.78 11.60 0.30
N LEU A 34 -1.57 11.85 -0.23
CA LEU A 34 -0.85 10.93 -1.08
C LEU A 34 0.15 10.04 -0.29
N HIS A 35 0.37 10.31 1.02
CA HIS A 35 1.23 9.39 1.78
C HIS A 35 0.58 8.02 1.91
N THR A 36 1.41 6.97 2.00
CA THR A 36 0.88 5.61 1.83
C THR A 36 0.86 4.75 3.08
N LEU A 37 -0.03 3.77 3.05
CA LEU A 37 0.08 2.68 3.99
C LEU A 37 -0.49 1.43 3.35
N ALA A 38 0.25 0.32 3.46
CA ALA A 38 -0.19 -1.00 3.00
C ALA A 38 -0.44 -0.97 1.52
N GLY A 39 0.32 -0.18 0.76
CA GLY A 39 0.17 -0.26 -0.67
C GLY A 39 -0.76 0.74 -1.34
N ARG A 40 -1.42 1.62 -0.56
CA ARG A 40 -2.31 2.68 -1.12
C ARG A 40 -2.15 3.99 -0.40
N SER A 41 -2.25 5.11 -1.13
CA SER A 41 -2.38 6.42 -0.52
C SER A 41 -3.59 6.51 0.45
N MET A 42 -3.52 7.42 1.44
CA MET A 42 -4.70 7.65 2.26
C MET A 42 -5.91 7.99 1.34
N LEU A 43 -5.69 8.78 0.31
CA LEU A 43 -6.84 9.16 -0.54
C LEU A 43 -7.40 7.95 -1.27
N SER A 44 -6.54 7.05 -1.75
CA SER A 44 -7.01 5.81 -2.37
C SER A 44 -7.78 4.91 -1.39
N HIS A 45 -7.29 4.78 -0.14
CA HIS A 45 -8.04 4.03 0.86
C HIS A 45 -9.47 4.61 1.05
N VAL A 46 -9.51 5.92 1.27
CA VAL A 46 -10.79 6.56 1.48
C VAL A 46 -11.74 6.39 0.26
N LEU A 47 -11.26 6.67 -0.96
CA LEU A 47 -12.10 6.49 -2.15
C LEU A 47 -12.56 5.03 -2.42
N HIS A 48 -11.71 4.02 -2.17
CA HIS A 48 -12.10 2.59 -2.24
C HIS A 48 -13.26 2.27 -1.28
N ALA A 49 -13.16 2.74 -0.04
CA ALA A 49 -14.22 2.51 0.92
C ALA A 49 -15.53 3.15 0.46
N ILE A 50 -15.46 4.40 -0.01
CA ILE A 50 -16.71 5.08 -0.40
C ILE A 50 -17.26 4.42 -1.66
N ALA A 51 -16.41 4.10 -2.62
CA ALA A 51 -16.89 3.55 -3.88
C ALA A 51 -17.68 2.23 -3.66
N LYS A 52 -17.29 1.43 -2.66
CA LYS A 52 -18.01 0.19 -2.28
C LYS A 52 -19.36 0.55 -1.69
N LEU A 53 -19.47 1.74 -1.13
CA LEU A 53 -20.74 2.13 -0.53
C LEU A 53 -21.64 2.55 -1.67
N ALA A 54 -21.03 2.92 -2.80
CA ALA A 54 -21.73 3.35 -4.02
C ALA A 54 -22.80 4.46 -3.84
N PRO A 55 -22.39 5.64 -3.34
CA PRO A 55 -23.30 6.78 -3.32
C PRO A 55 -23.53 7.33 -4.74
N GLN A 56 -24.62 8.05 -4.89
CA GLN A 56 -25.01 8.64 -6.14
C GLN A 56 -23.95 9.66 -6.59
N ARG A 57 -23.46 10.49 -5.66
CA ARG A 57 -22.44 11.46 -6.01
C ARG A 57 -21.26 11.30 -5.08
N LEU A 58 -20.08 11.57 -5.63
CA LEU A 58 -18.81 11.42 -4.94
C LEU A 58 -17.96 12.62 -5.37
N ILE A 59 -17.65 13.50 -4.41
CA ILE A 59 -16.97 14.75 -4.70
C ILE A 59 -15.73 14.91 -3.79
N VAL A 60 -14.58 15.18 -4.42
CA VAL A 60 -13.37 15.36 -3.71
C VAL A 60 -12.97 16.82 -3.81
N VAL A 61 -12.82 17.45 -2.66
CA VAL A 61 -12.37 18.79 -2.56
C VAL A 61 -10.85 18.85 -2.53
N LEU A 62 -10.29 19.56 -3.51
CA LEU A 62 -8.84 19.72 -3.60
C LEU A 62 -8.42 21.17 -3.54
N GLY A 63 -7.17 21.43 -3.18
CA GLY A 63 -6.65 22.80 -2.94
C GLY A 63 -5.43 23.14 -3.75
N HIS A 64 -4.43 23.75 -3.11
CA HIS A 64 -3.07 23.87 -3.70
C HIS A 64 -2.57 22.46 -4.09
N ASP A 65 -1.91 22.34 -5.24
CA ASP A 65 -1.41 21.00 -5.59
C ASP A 65 -2.54 20.13 -6.08
N HIS A 66 -3.68 20.74 -6.44
CA HIS A 66 -4.76 20.02 -7.08
C HIS A 66 -4.27 19.46 -8.40
N GLN A 67 -3.26 20.11 -8.98
CA GLN A 67 -2.61 19.66 -10.21
C GLN A 67 -1.99 18.28 -10.02
N ARG A 68 -1.35 18.09 -8.87
CA ARG A 68 -0.65 16.87 -8.56
C ARG A 68 -1.56 15.74 -8.03
N ILE A 69 -2.82 16.04 -7.73
CA ILE A 69 -3.71 15.06 -7.10
C ILE A 69 -4.89 14.67 -7.98
N ALA A 70 -5.48 15.67 -8.67
CA ALA A 70 -6.66 15.44 -9.50
C ALA A 70 -6.49 14.30 -10.53
N PRO A 71 -5.28 14.20 -11.15
CA PRO A 71 -5.02 13.06 -12.05
C PRO A 71 -5.11 11.70 -11.33
N LEU A 72 -4.63 11.65 -10.10
CA LEU A 72 -4.69 10.43 -9.31
C LEU A 72 -6.15 10.08 -9.05
N VAL A 73 -6.99 11.10 -8.92
CA VAL A 73 -8.40 10.89 -8.64
C VAL A 73 -9.13 10.34 -9.90
N GLY A 74 -8.76 10.89 -11.04
CA GLY A 74 -9.26 10.40 -12.36
C GLY A 74 -8.89 8.94 -12.61
N GLU A 75 -7.62 8.59 -12.38
CA GLU A 75 -7.23 7.18 -12.47
C GLU A 75 -8.10 6.31 -11.54
N LEU A 76 -8.39 6.79 -10.33
CA LEU A 76 -9.14 6.00 -9.37
C LEU A 76 -10.59 5.86 -9.75
N ALA A 77 -11.13 6.94 -10.34
CA ALA A 77 -12.49 6.89 -10.90
C ALA A 77 -12.62 5.74 -11.93
N ASP A 78 -11.66 5.60 -12.84
CA ASP A 78 -11.67 4.52 -13.86
C ASP A 78 -11.61 3.15 -13.23
N THR A 79 -10.58 2.97 -12.40
CA THR A 79 -10.35 1.72 -11.72
C THR A 79 -11.57 1.30 -10.96
N LEU A 80 -12.25 2.26 -10.36
CA LEU A 80 -13.39 1.91 -9.54
C LEU A 80 -14.65 1.90 -10.40
N GLY A 81 -14.50 2.36 -11.64
CA GLY A 81 -15.58 2.39 -12.63
C GLY A 81 -16.77 3.18 -12.11
N ARG A 82 -16.55 4.46 -11.79
CA ARG A 82 -17.64 5.38 -11.42
C ARG A 82 -17.13 6.81 -11.64
N THR A 83 -18.00 7.80 -11.52
CA THR A 83 -17.61 9.21 -11.72
C THR A 83 -17.17 9.74 -10.35
N ILE A 84 -16.11 10.56 -10.33
CA ILE A 84 -15.70 11.27 -9.09
C ILE A 84 -15.40 12.67 -9.49
N ASP A 85 -16.14 13.61 -8.90
CA ASP A 85 -16.03 15.02 -9.26
C ASP A 85 -15.02 15.67 -8.36
N VAL A 86 -14.26 16.61 -8.91
CA VAL A 86 -13.29 17.39 -8.14
C VAL A 86 -13.91 18.78 -7.97
N ALA A 87 -14.01 19.26 -6.71
CA ALA A 87 -14.41 20.65 -6.42
C ALA A 87 -13.16 21.37 -5.90
N LEU A 88 -12.92 22.60 -6.39
CA LEU A 88 -11.72 23.33 -6.01
C LEU A 88 -11.95 24.27 -4.81
N GLN A 89 -11.04 24.25 -3.83
CA GLN A 89 -11.08 25.19 -2.76
C GLN A 89 -9.79 26.00 -2.90
N ASP A 90 -9.94 27.24 -3.34
CA ASP A 90 -8.78 28.12 -3.65
C ASP A 90 -7.80 28.29 -2.47
N ARG A 91 -8.31 28.70 -1.31
CA ARG A 91 -7.44 28.89 -0.12
C ARG A 91 -7.96 28.01 1.01
N PRO A 92 -7.05 27.49 1.86
CA PRO A 92 -7.48 26.56 2.94
C PRO A 92 -8.14 27.30 4.14
N LEU A 93 -9.34 27.80 3.91
CA LEU A 93 -10.01 28.63 4.91
C LEU A 93 -10.59 27.83 6.08
N GLY A 94 -10.52 26.48 6.01
CA GLY A 94 -11.05 25.63 7.10
C GLY A 94 -11.97 24.52 6.58
N THR A 95 -12.22 23.50 7.42
CA THR A 95 -13.07 22.40 6.99
C THR A 95 -14.51 22.83 6.62
N GLY A 96 -15.03 23.85 7.26
CA GLY A 96 -16.43 24.30 6.93
C GLY A 96 -16.47 24.95 5.58
N HIS A 97 -15.47 25.78 5.30
CA HIS A 97 -15.27 26.31 3.97
C HIS A 97 -15.07 25.21 2.90
N ALA A 98 -14.26 24.18 3.22
CA ALA A 98 -14.07 23.12 2.26
C ALA A 98 -15.39 22.49 1.93
N VAL A 99 -16.23 22.25 2.94
CA VAL A 99 -17.56 21.62 2.64
C VAL A 99 -18.41 22.58 1.71
N LEU A 100 -18.40 23.86 2.05
CA LEU A 100 -19.08 24.81 1.17
C LEU A 100 -18.59 24.74 -0.28
N CYS A 101 -17.29 24.60 -0.47
CA CYS A 101 -16.78 24.44 -1.83
C CYS A 101 -17.26 23.14 -2.43
N GLY A 102 -17.45 22.12 -1.59
CA GLY A 102 -17.74 20.78 -2.08
C GLY A 102 -19.17 20.81 -2.60
N LEU A 103 -20.01 21.56 -1.88
CA LEU A 103 -21.44 21.62 -2.16
C LEU A 103 -21.72 22.26 -3.51
N SER A 104 -20.82 23.14 -3.95
CA SER A 104 -20.95 23.78 -5.28
C SER A 104 -20.88 22.83 -6.49
N ALA A 105 -20.24 21.68 -6.33
CA ALA A 105 -20.33 20.66 -7.35
C ALA A 105 -21.70 19.92 -7.34
N LEU A 106 -22.54 20.17 -6.34
CA LEU A 106 -23.92 19.62 -6.39
C LEU A 106 -24.87 20.62 -7.06
N PRO A 107 -25.98 20.12 -7.65
CA PRO A 107 -27.01 21.09 -8.11
C PRO A 107 -27.59 21.94 -6.95
N ASP A 108 -27.96 23.20 -7.25
CA ASP A 108 -28.57 24.18 -6.31
C ASP A 108 -29.69 23.55 -5.50
N ASP A 109 -30.46 22.70 -6.16
CA ASP A 109 -31.64 22.11 -5.54
C ASP A 109 -31.48 20.63 -5.15
N TYR A 110 -30.24 20.16 -4.92
CA TYR A 110 -30.01 18.77 -4.45
C TYR A 110 -30.76 18.52 -3.16
N ALA A 111 -31.41 17.35 -3.04
CA ALA A 111 -32.15 16.98 -1.82
C ALA A 111 -31.71 15.69 -1.10
N GLY A 112 -30.71 14.99 -1.64
CA GLY A 112 -30.17 13.81 -0.90
C GLY A 112 -29.40 14.21 0.35
N ASN A 113 -29.03 13.23 1.17
CA ASN A 113 -28.16 13.44 2.33
C ASN A 113 -26.76 13.77 1.86
N VAL A 114 -26.01 14.44 2.75
CA VAL A 114 -24.62 14.79 2.46
C VAL A 114 -23.75 14.15 3.55
N VAL A 115 -22.87 13.28 3.08
CA VAL A 115 -21.92 12.69 3.98
C VAL A 115 -20.59 13.41 3.77
N VAL A 116 -19.91 13.72 4.89
CA VAL A 116 -18.61 14.37 4.81
C VAL A 116 -17.58 13.52 5.55
N THR A 117 -16.43 13.34 4.93
CA THR A 117 -15.35 12.72 5.68
C THR A 117 -14.06 13.33 5.18
N SER A 118 -12.96 13.11 5.92
CA SER A 118 -11.66 13.67 5.53
C SER A 118 -10.84 12.67 4.70
N GLY A 119 -9.88 13.19 3.98
CA GLY A 119 -8.89 12.36 3.29
C GLY A 119 -7.84 11.77 4.19
N ASP A 120 -7.82 12.11 5.47
CA ASP A 120 -6.78 11.55 6.37
C ASP A 120 -7.34 10.59 7.44
N THR A 121 -8.46 9.91 7.13
CA THR A 121 -9.02 8.86 8.00
C THR A 121 -9.02 7.57 7.20
N PRO A 122 -7.84 6.91 7.05
CA PRO A 122 -7.79 5.96 5.93
C PRO A 122 -8.31 4.56 6.24
N LEU A 123 -8.66 4.26 7.50
CA LEU A 123 -9.24 2.98 7.84
C LEU A 123 -10.76 2.99 7.79
N LEU A 124 -11.34 4.16 7.46
CA LEU A 124 -12.77 4.22 7.47
C LEU A 124 -13.23 3.21 6.40
N ASP A 125 -14.27 2.44 6.71
CA ASP A 125 -14.75 1.38 5.79
C ASP A 125 -16.20 1.57 5.37
N ALA A 126 -16.56 0.93 4.26
CA ALA A 126 -17.92 0.96 3.74
C ALA A 126 -18.99 0.62 4.75
N ASP A 127 -18.76 -0.35 5.65
CA ASP A 127 -19.74 -0.67 6.70
C ASP A 127 -20.05 0.46 7.73
N THR A 128 -19.00 1.13 8.21
CA THR A 128 -19.12 2.25 9.12
C THR A 128 -19.90 3.38 8.44
N LEU A 129 -19.64 3.62 7.16
CA LEU A 129 -20.35 4.63 6.40
C LEU A 129 -21.83 4.26 6.24
N ALA A 130 -22.08 3.00 5.87
CA ALA A 130 -23.47 2.57 5.71
C ALA A 130 -24.22 2.65 7.03
N ASP A 131 -23.59 2.30 8.14
CA ASP A 131 -24.24 2.39 9.47
C ASP A 131 -24.63 3.85 9.81
N LEU A 132 -23.73 4.78 9.41
CA LEU A 132 -23.91 6.19 9.65
C LEU A 132 -25.17 6.66 8.95
N ILE A 133 -25.22 6.35 7.65
CA ILE A 133 -26.33 6.79 6.86
C ILE A 133 -27.59 6.15 7.45
N ALA A 134 -27.50 4.88 7.83
CA ALA A 134 -28.64 4.20 8.50
C ALA A 134 -29.11 4.84 9.85
N THR A 135 -28.18 5.30 10.68
CA THR A 135 -28.59 5.93 11.92
C THR A 135 -29.15 7.33 11.65
N HIS A 136 -28.53 8.03 10.70
CA HIS A 136 -29.00 9.36 10.32
C HIS A 136 -30.48 9.31 9.85
N ARG A 137 -30.78 8.37 8.98
CA ARG A 137 -32.14 8.21 8.43
C ARG A 137 -33.15 7.75 9.49
N ALA A 138 -32.71 6.86 10.39
CA ALA A 138 -33.56 6.29 11.42
C ALA A 138 -34.02 7.32 12.43
N VAL A 139 -33.10 8.18 12.87
CA VAL A 139 -33.40 9.16 13.93
C VAL A 139 -33.85 10.51 13.38
N SER A 140 -33.99 10.59 12.06
CA SER A 140 -34.34 11.84 11.38
C SER A 140 -33.48 13.07 11.80
N ALA A 141 -32.16 12.86 11.83
CA ALA A 141 -31.22 13.85 12.40
C ALA A 141 -31.00 14.97 11.42
N ALA A 142 -30.62 16.16 11.92
CA ALA A 142 -30.21 17.16 10.93
C ALA A 142 -28.72 16.91 10.68
N VAL A 143 -28.04 16.45 11.72
CA VAL A 143 -26.61 16.07 11.65
C VAL A 143 -26.38 14.85 12.53
N THR A 144 -25.68 13.84 11.98
CA THR A 144 -25.18 12.70 12.78
C THR A 144 -23.63 12.72 12.74
N VAL A 145 -22.99 12.66 13.89
CA VAL A 145 -21.54 12.77 13.92
C VAL A 145 -21.02 11.45 14.50
N LEU A 146 -20.05 10.85 13.83
CA LEU A 146 -19.37 9.68 14.41
C LEU A 146 -18.35 10.09 15.49
N THR A 147 -18.33 9.36 16.60
CA THR A 147 -17.41 9.73 17.67
C THR A 147 -16.72 8.44 18.06
N THR A 148 -15.69 8.51 18.90
CA THR A 148 -15.13 7.31 19.47
C THR A 148 -14.53 7.75 20.78
N THR A 149 -13.94 6.84 21.54
CA THR A 149 -13.32 7.27 22.74
C THR A 149 -11.93 6.72 22.86
N LEU A 150 -10.98 7.56 23.25
CA LEU A 150 -9.55 7.23 23.10
C LEU A 150 -8.83 7.50 24.36
N ASP A 151 -7.83 6.68 24.67
CA ASP A 151 -6.98 6.91 25.84
C ASP A 151 -6.20 8.20 25.64
N ASP A 152 -5.70 8.41 24.42
CA ASP A 152 -5.03 9.65 24.06
C ASP A 152 -5.80 10.47 23.01
N PRO A 153 -6.62 11.44 23.44
CA PRO A 153 -7.45 12.19 22.48
C PRO A 153 -6.77 13.46 21.91
N PHE A 154 -5.45 13.58 22.06
CA PHE A 154 -4.73 14.79 21.64
C PHE A 154 -5.01 15.17 20.21
N GLY A 155 -5.41 16.42 19.99
CA GLY A 155 -5.51 16.91 18.65
C GLY A 155 -6.86 16.66 17.98
N TYR A 156 -7.70 15.77 18.56
CA TYR A 156 -9.08 15.63 18.13
C TYR A 156 -10.06 16.71 18.74
N GLY A 157 -11.13 17.05 18.05
CA GLY A 157 -12.24 17.82 18.65
C GLY A 157 -12.87 16.93 19.71
N ARG A 158 -13.14 17.52 20.88
CA ARG A 158 -13.78 16.83 22.00
C ARG A 158 -15.27 17.01 21.89
N ILE A 159 -16.02 15.95 22.19
CA ILE A 159 -17.49 15.99 22.19
C ILE A 159 -18.00 16.57 23.54
N LEU A 160 -18.78 17.65 23.47
CA LEU A 160 -19.35 18.28 24.66
C LEU A 160 -20.78 17.79 24.80
N ARG A 161 -21.11 17.21 25.96
CA ARG A 161 -22.50 16.76 26.19
C ARG A 161 -23.12 17.49 27.39
N THR A 162 -24.44 17.71 27.35
CA THR A 162 -25.17 18.16 28.57
C THR A 162 -25.23 17.04 29.63
N GLN A 163 -25.86 17.35 30.77
CA GLN A 163 -26.17 16.33 31.82
C GLN A 163 -27.02 15.20 31.22
N ASP A 164 -27.90 15.61 30.33
CA ASP A 164 -28.79 14.73 29.57
C ASP A 164 -28.06 13.70 28.70
N HIS A 165 -26.73 13.80 28.63
CA HIS A 165 -25.91 13.04 27.65
C HIS A 165 -26.21 13.48 26.21
N GLU A 166 -26.73 14.68 26.07
CA GLU A 166 -27.09 15.19 24.78
C GLU A 166 -25.89 15.97 24.18
N VAL A 167 -25.66 15.79 22.90
CA VAL A 167 -24.56 16.48 22.24
C VAL A 167 -24.84 17.94 22.07
N MET A 168 -23.93 18.74 22.57
CA MET A 168 -24.02 20.18 22.59
C MET A 168 -23.14 20.85 21.50
N ALA A 169 -21.88 20.39 21.40
CA ALA A 169 -20.84 21.09 20.63
C ALA A 169 -19.65 20.14 20.47
N ILE A 170 -18.74 20.53 19.57
CA ILE A 170 -17.43 19.92 19.39
C ILE A 170 -16.47 21.09 19.59
N VAL A 171 -15.47 20.87 20.42
CA VAL A 171 -14.48 21.90 20.67
C VAL A 171 -13.10 21.43 20.20
N GLU A 172 -12.45 22.21 19.36
CA GLU A 172 -11.12 21.77 18.89
C GLU A 172 -10.03 21.78 19.96
N GLN A 173 -9.05 20.89 19.79
CA GLN A 173 -7.90 20.85 20.66
C GLN A 173 -7.33 22.27 21.00
N THR A 174 -7.01 23.05 19.97
CA THR A 174 -6.43 24.40 20.19
C THR A 174 -7.40 25.36 20.96
N ASP A 175 -8.70 25.04 20.94
CA ASP A 175 -9.68 25.92 21.53
C ASP A 175 -10.21 25.39 22.84
N ALA A 176 -9.84 24.16 23.21
CA ALA A 176 -10.43 23.56 24.40
C ALA A 176 -9.77 24.09 25.67
N THR A 177 -10.50 24.10 26.79
CA THR A 177 -9.87 24.42 28.07
C THR A 177 -9.01 23.25 28.57
N PRO A 178 -8.08 23.50 29.53
CA PRO A 178 -7.36 22.36 30.09
C PRO A 178 -8.34 21.26 30.57
N SER A 179 -9.49 21.66 31.08
CA SER A 179 -10.43 20.71 31.65
C SER A 179 -11.21 20.00 30.54
N GLN A 180 -11.53 20.73 29.49
CA GLN A 180 -12.13 20.08 28.30
C GLN A 180 -11.11 19.16 27.58
N ARG A 181 -9.81 19.47 27.66
CA ARG A 181 -8.83 18.57 27.01
C ARG A 181 -8.82 17.13 27.58
N GLU A 182 -9.35 16.98 28.79
CA GLU A 182 -9.43 15.67 29.46
C GLU A 182 -10.53 14.82 28.90
N ILE A 183 -11.51 15.42 28.23
CA ILE A 183 -12.56 14.66 27.55
C ILE A 183 -11.94 13.66 26.57
N ARG A 184 -12.34 12.38 26.73
CA ARG A 184 -11.80 11.32 25.93
C ARG A 184 -12.67 10.89 24.75
N GLU A 185 -13.90 11.37 24.72
CA GLU A 185 -14.78 11.13 23.58
C GLU A 185 -14.43 12.12 22.45
N VAL A 186 -14.19 11.65 21.23
CA VAL A 186 -13.69 12.53 20.19
C VAL A 186 -14.55 12.53 18.97
N ASN A 187 -14.40 13.60 18.23
CA ASN A 187 -15.01 13.72 16.92
C ASN A 187 -14.19 12.93 15.90
N ALA A 188 -14.83 11.98 15.20
CA ALA A 188 -14.26 11.23 14.05
C ALA A 188 -14.03 12.11 12.83
N GLY A 189 -14.75 13.22 12.77
CA GLY A 189 -14.77 14.04 11.57
C GLY A 189 -15.47 13.34 10.40
N VAL A 190 -16.45 12.47 10.71
CA VAL A 190 -17.22 11.83 9.68
C VAL A 190 -18.67 12.17 9.99
N TYR A 191 -19.43 12.70 9.03
CA TYR A 191 -20.77 13.21 9.43
C TYR A 191 -21.79 12.84 8.39
N ALA A 192 -23.07 12.82 8.76
CA ALA A 192 -24.14 12.83 7.73
C ALA A 192 -25.00 14.08 8.00
N PHE A 193 -25.49 14.76 6.96
CA PHE A 193 -26.28 15.95 7.20
C PHE A 193 -27.54 15.95 6.36
N ASP A 194 -28.63 16.48 6.90
CA ASP A 194 -29.69 16.99 6.06
C ASP A 194 -29.11 18.20 5.31
N ILE A 195 -29.20 18.22 3.96
CA ILE A 195 -28.54 19.27 3.19
C ILE A 195 -28.95 20.74 3.50
N ALA A 196 -30.25 20.95 3.73
CA ALA A 196 -30.78 22.28 4.01
C ALA A 196 -30.26 22.75 5.35
N ALA A 197 -30.22 21.85 6.30
CA ALA A 197 -29.73 22.24 7.58
C ALA A 197 -28.23 22.60 7.46
N LEU A 198 -27.49 21.88 6.61
CA LEU A 198 -26.04 22.07 6.44
C LEU A 198 -25.77 23.42 5.78
N ARG A 199 -26.40 23.71 4.64
CA ARG A 199 -26.30 25.04 4.00
C ARG A 199 -26.58 26.18 4.96
N SER A 200 -27.62 26.03 5.75
CA SER A 200 -28.01 27.02 6.71
C SER A 200 -26.97 27.24 7.81
N ALA A 201 -26.44 26.17 8.40
CA ALA A 201 -25.40 26.34 9.41
C ALA A 201 -24.08 26.91 8.84
N LEU A 202 -23.72 26.49 7.62
CA LEU A 202 -22.43 26.89 7.01
C LEU A 202 -22.40 28.37 6.75
N SER A 203 -23.58 28.95 6.48
CA SER A 203 -23.64 30.39 6.21
C SER A 203 -23.54 31.23 7.48
N ARG A 204 -23.58 30.61 8.66
CA ARG A 204 -23.40 31.33 9.93
C ARG A 204 -22.02 31.07 10.65
N LEU A 205 -21.09 30.37 9.99
CA LEU A 205 -19.78 30.11 10.55
C LEU A 205 -18.98 31.42 10.54
N SER A 206 -18.27 31.61 11.62
CA SER A 206 -17.28 32.68 11.67
C SER A 206 -15.94 32.07 12.12
N SER A 207 -14.85 32.78 11.87
CA SER A 207 -13.57 32.21 12.07
C SER A 207 -12.90 32.81 13.29
N ASN A 208 -13.66 33.26 14.28
CA ASN A 208 -13.03 33.84 15.48
C ASN A 208 -12.76 32.71 16.44
N ASN A 209 -11.64 32.02 16.22
CA ASN A 209 -11.25 30.93 17.07
C ASN A 209 -9.74 30.85 17.03
N ALA A 210 -9.16 29.93 17.80
CA ALA A 210 -7.73 29.81 17.93
C ALA A 210 -6.96 29.61 16.64
N GLN A 211 -7.54 28.95 15.62
CA GLN A 211 -6.83 28.69 14.34
C GLN A 211 -7.20 29.74 13.27
N GLN A 212 -8.17 30.60 13.62
CA GLN A 212 -8.75 31.58 12.67
C GLN A 212 -9.18 30.88 11.38
N GLU A 213 -10.04 29.89 11.53
CA GLU A 213 -10.45 29.07 10.40
C GLU A 213 -11.94 28.89 10.53
N LEU A 214 -12.56 28.50 9.44
CA LEU A 214 -13.96 28.21 9.43
C LEU A 214 -14.16 26.71 9.74
N TYR A 215 -14.47 26.40 10.98
CA TYR A 215 -14.54 25.03 11.46
C TYR A 215 -15.84 24.30 11.07
N LEU A 216 -15.74 23.17 10.40
CA LEU A 216 -16.98 22.40 10.15
C LEU A 216 -17.64 22.01 11.46
N THR A 217 -16.80 21.85 12.49
CA THR A 217 -17.25 21.31 13.74
C THR A 217 -18.27 22.27 14.43
N ASP A 218 -18.21 23.56 14.08
CA ASP A 218 -19.16 24.56 14.71
C ASP A 218 -20.62 24.37 14.33
N VAL A 219 -20.85 23.63 13.25
CA VAL A 219 -22.18 23.44 12.72
C VAL A 219 -23.03 22.65 13.74
N ILE A 220 -22.33 21.86 14.57
CA ILE A 220 -22.97 21.08 15.63
C ILE A 220 -23.73 22.00 16.63
N ALA A 221 -23.02 22.99 17.16
CA ALA A 221 -23.53 23.96 18.09
C ALA A 221 -24.57 24.85 17.38
N ILE A 222 -24.31 25.29 16.17
CA ILE A 222 -25.26 26.08 15.42
C ILE A 222 -26.62 25.34 15.24
N LEU A 223 -26.59 24.11 14.70
CA LEU A 223 -27.83 23.33 14.60
C LEU A 223 -28.56 23.08 15.95
N ARG A 224 -27.82 22.80 17.00
CA ARG A 224 -28.38 22.67 18.33
C ARG A 224 -29.10 23.98 18.73
N SER A 225 -28.50 25.14 18.39
CA SER A 225 -29.10 26.50 18.53
C SER A 225 -30.49 26.54 17.98
N ASP A 226 -30.61 26.05 16.76
CA ASP A 226 -31.86 26.08 16.04
C ASP A 226 -32.88 25.02 16.47
N GLY A 227 -32.60 24.30 17.55
CA GLY A 227 -33.43 23.18 18.02
C GLY A 227 -33.46 21.98 17.09
N GLN A 228 -32.44 21.81 16.25
CA GLN A 228 -32.44 20.74 15.27
C GLN A 228 -31.91 19.49 15.90
N THR A 229 -32.19 18.34 15.27
CA THR A 229 -31.80 17.08 15.94
C THR A 229 -30.32 16.82 15.64
N VAL A 230 -29.53 16.67 16.69
CA VAL A 230 -28.10 16.42 16.59
C VAL A 230 -27.78 15.07 17.23
N HIS A 231 -27.36 14.09 16.43
CA HIS A 231 -27.09 12.74 16.90
C HIS A 231 -25.59 12.35 16.83
N ALA A 232 -25.03 11.82 17.90
CA ALA A 232 -23.68 11.24 17.91
C ALA A 232 -23.80 9.73 17.83
N SER A 233 -23.03 9.12 16.94
CA SER A 233 -23.00 7.67 16.87
C SER A 233 -21.60 7.16 17.24
N HIS A 234 -21.50 6.40 18.32
CA HIS A 234 -20.22 5.96 18.85
C HIS A 234 -19.61 4.78 18.06
N VAL A 235 -18.38 4.92 17.58
CA VAL A 235 -17.73 3.80 16.88
C VAL A 235 -16.76 3.16 17.88
N ASP A 236 -17.02 1.93 18.29
CA ASP A 236 -16.21 1.33 19.37
C ASP A 236 -14.83 0.89 18.88
N ASP A 237 -14.77 0.46 17.62
CA ASP A 237 -13.49 0.12 17.06
C ASP A 237 -12.80 1.44 16.62
N SER A 238 -12.08 2.07 17.54
CA SER A 238 -11.54 3.43 17.32
C SER A 238 -10.70 3.64 16.06
N ALA A 239 -9.94 2.61 15.67
CA ALA A 239 -9.03 2.66 14.52
C ALA A 239 -9.73 3.00 13.25
N LEU A 240 -10.95 2.51 13.10
CA LEU A 240 -11.66 2.73 11.85
C LEU A 240 -11.86 4.21 11.57
N VAL A 241 -11.80 5.05 12.64
CA VAL A 241 -12.07 6.48 12.48
C VAL A 241 -10.89 7.33 12.96
N ALA A 242 -9.74 6.70 13.07
CA ALA A 242 -8.57 7.34 13.57
C ALA A 242 -8.06 8.29 12.47
N GLY A 243 -7.56 9.47 12.85
CA GLY A 243 -7.09 10.42 11.82
C GLY A 243 -5.57 10.44 11.78
N VAL A 244 -5.03 11.02 10.71
CA VAL A 244 -3.57 11.12 10.50
C VAL A 244 -3.18 12.54 10.19
N ASN A 245 -2.60 13.25 11.16
CA ASN A 245 -2.12 14.62 10.96
C ASN A 245 -0.62 14.72 10.79
N ASN A 246 0.11 13.65 11.14
CA ASN A 246 1.58 13.74 11.13
C ASN A 246 2.08 12.31 10.91
N ARG A 247 3.38 12.17 10.73
CA ARG A 247 4.01 10.93 10.41
C ARG A 247 4.03 9.92 11.54
N VAL A 248 3.97 10.42 12.78
CA VAL A 248 3.85 9.52 13.92
C VAL A 248 2.51 8.76 13.85
N GLN A 249 1.41 9.52 13.65
CA GLN A 249 0.08 8.90 13.52
C GLN A 249 -0.03 8.02 12.27
N LEU A 250 0.60 8.45 11.18
CA LEU A 250 0.59 7.68 9.93
C LEU A 250 1.20 6.25 10.24
N ALA A 251 2.35 6.23 10.91
CA ALA A 251 3.02 4.94 11.19
C ALA A 251 2.23 4.11 12.20
N GLU A 252 1.61 4.75 13.18
CA GLU A 252 0.79 3.99 14.12
C GLU A 252 -0.42 3.34 13.41
N LEU A 253 -1.03 4.08 12.50
CA LEU A 253 -2.17 3.54 11.80
C LEU A 253 -1.75 2.48 10.77
N ALA A 254 -0.59 2.65 10.20
CA ALA A 254 -0.08 1.68 9.21
C ALA A 254 0.15 0.36 9.97
N SER A 255 0.65 0.49 11.18
CA SER A 255 0.92 -0.74 11.99
C SER A 255 -0.40 -1.46 12.40
N GLU A 256 -1.45 -0.69 12.72
CA GLU A 256 -2.72 -1.28 13.08
C GLU A 256 -3.37 -1.95 11.87
N LEU A 257 -3.29 -1.29 10.75
CA LEU A 257 -3.85 -1.84 9.52
C LEU A 257 -3.07 -3.14 9.19
N ASN A 258 -1.75 -3.08 9.26
CA ASN A 258 -0.98 -4.29 8.96
C ASN A 258 -1.30 -5.48 9.90
N ARG A 259 -1.49 -5.25 11.21
CA ARG A 259 -1.88 -6.34 12.09
C ARG A 259 -3.19 -6.96 11.62
N ARG A 260 -4.10 -6.13 11.14
CA ARG A 260 -5.39 -6.66 10.72
C ARG A 260 -5.27 -7.46 9.42
N VAL A 261 -4.41 -7.01 8.50
CA VAL A 261 -4.22 -7.69 7.28
C VAL A 261 -3.54 -9.09 7.56
N VAL A 262 -2.52 -9.08 8.37
CA VAL A 262 -1.83 -10.34 8.72
C VAL A 262 -2.84 -11.27 9.40
N ALA A 263 -3.62 -10.74 10.39
CA ALA A 263 -4.61 -11.56 11.08
C ALA A 263 -5.61 -12.25 10.13
N ALA A 264 -6.12 -11.52 9.12
CA ALA A 264 -6.98 -12.13 8.13
C ALA A 264 -6.29 -13.28 7.39
N HIS A 265 -5.03 -13.12 7.00
CA HIS A 265 -4.29 -14.24 6.43
C HIS A 265 -4.09 -15.42 7.39
N GLN A 266 -3.73 -15.15 8.65
CA GLN A 266 -3.60 -16.19 9.65
C GLN A 266 -4.89 -17.00 9.79
N LEU A 267 -6.03 -16.32 9.92
CA LEU A 267 -7.31 -16.99 10.10
C LEU A 267 -7.68 -17.79 8.81
N ALA A 268 -7.17 -17.37 7.64
CA ALA A 268 -7.42 -18.10 6.38
C ALA A 268 -6.43 -19.27 6.17
N GLY A 269 -5.47 -19.44 7.05
CA GLY A 269 -4.59 -20.59 6.91
C GLY A 269 -3.13 -20.30 6.62
N VAL A 270 -2.70 -19.06 6.86
CA VAL A 270 -1.30 -18.71 6.63
C VAL A 270 -0.58 -18.59 8.00
N THR A 271 0.52 -19.33 8.17
CA THR A 271 1.37 -19.15 9.32
C THR A 271 2.25 -17.91 9.13
N VAL A 272 2.13 -16.96 10.07
CA VAL A 272 2.99 -15.78 10.03
C VAL A 272 3.67 -15.80 11.37
N VAL A 273 4.96 -16.20 11.35
CA VAL A 273 5.65 -16.46 12.58
C VAL A 273 5.65 -15.22 13.50
N ASP A 274 5.85 -14.06 12.89
CA ASP A 274 6.02 -12.82 13.63
C ASP A 274 5.23 -11.67 12.96
N PRO A 275 3.97 -11.47 13.34
CA PRO A 275 3.17 -10.44 12.68
C PRO A 275 3.78 -9.08 12.77
N ALA A 276 4.48 -8.80 13.86
CA ALA A 276 5.00 -7.47 14.05
C ALA A 276 6.07 -7.15 12.99
N THR A 277 6.79 -8.12 12.46
CA THR A 277 7.83 -7.76 11.49
C THR A 277 7.50 -8.36 10.11
N THR A 278 6.21 -8.55 9.86
CA THR A 278 5.73 -9.01 8.55
C THR A 278 4.75 -7.96 8.00
N TRP A 279 5.18 -7.23 6.95
CA TRP A 279 4.34 -6.18 6.34
C TRP A 279 3.68 -6.78 5.09
N ILE A 280 2.36 -6.73 5.03
CA ILE A 280 1.62 -7.30 3.89
C ILE A 280 0.67 -6.22 3.31
N ASP A 281 0.88 -5.83 2.07
CA ASP A 281 0.05 -4.81 1.42
C ASP A 281 -1.36 -5.35 1.19
N VAL A 282 -2.33 -4.46 0.99
CA VAL A 282 -3.71 -4.94 0.97
C VAL A 282 -4.05 -5.83 -0.20
N ASP A 283 -3.36 -5.71 -1.35
CA ASP A 283 -3.79 -6.52 -2.51
C ASP A 283 -3.14 -7.93 -2.54
N VAL A 284 -2.20 -8.19 -1.62
CA VAL A 284 -1.37 -9.42 -1.70
C VAL A 284 -2.25 -10.62 -1.38
N THR A 285 -2.09 -11.75 -2.06
CA THR A 285 -2.82 -12.97 -1.73
C THR A 285 -1.77 -13.98 -1.36
N ILE A 286 -2.11 -14.88 -0.44
CA ILE A 286 -1.22 -15.89 0.10
C ILE A 286 -1.99 -17.27 0.25
N GLY A 287 -1.43 -18.35 -0.28
CA GLY A 287 -2.11 -19.65 -0.20
C GLY A 287 -2.05 -20.34 1.18
N ARG A 288 -2.94 -21.32 1.36
CA ARG A 288 -3.02 -22.10 2.60
C ARG A 288 -1.71 -22.82 2.98
N ASP A 289 -1.36 -22.77 4.25
CA ASP A 289 -0.16 -23.44 4.75
C ASP A 289 1.05 -22.51 4.76
N THR A 290 1.28 -21.84 3.64
CA THR A 290 2.42 -20.93 3.49
C THR A 290 2.91 -20.38 4.83
N VAL A 291 4.20 -20.58 5.10
CA VAL A 291 4.82 -20.05 6.28
C VAL A 291 5.65 -18.81 5.95
N ILE A 292 5.44 -17.75 6.71
CA ILE A 292 6.12 -16.51 6.45
C ILE A 292 7.00 -16.24 7.67
N HIS A 293 8.28 -16.09 7.45
CA HIS A 293 9.26 -15.91 8.50
C HIS A 293 9.57 -14.45 8.75
N PRO A 294 10.23 -14.14 9.88
CA PRO A 294 10.25 -12.74 10.28
C PRO A 294 11.03 -11.83 9.36
N GLY A 295 10.70 -10.55 9.44
CA GLY A 295 11.51 -9.50 8.76
C GLY A 295 11.09 -9.48 7.29
N THR A 296 9.85 -9.83 7.00
CA THR A 296 9.38 -9.99 5.57
C THR A 296 8.35 -8.88 5.14
N GLN A 297 8.53 -8.29 3.95
CA GLN A 297 7.52 -7.42 3.36
C GLN A 297 7.01 -8.02 2.03
N LEU A 298 5.69 -8.10 1.94
CA LEU A 298 5.08 -8.58 0.70
C LEU A 298 4.26 -7.41 0.17
N LEU A 299 4.63 -6.90 -0.98
CA LEU A 299 4.27 -5.52 -1.39
C LEU A 299 3.60 -5.53 -2.75
N GLY A 300 2.78 -4.49 -3.04
CA GLY A 300 2.08 -4.34 -4.34
C GLY A 300 1.20 -5.53 -4.64
N ARG A 301 1.28 -6.10 -5.82
CA ARG A 301 0.32 -7.20 -6.11
C ARG A 301 0.97 -8.58 -5.99
N THR A 302 1.79 -8.76 -4.97
CA THR A 302 2.52 -10.01 -4.79
C THR A 302 1.46 -11.09 -4.55
N GLN A 303 1.68 -12.25 -5.15
CA GLN A 303 0.81 -13.42 -4.96
C GLN A 303 1.66 -14.59 -4.56
N ILE A 304 1.34 -15.24 -3.46
CA ILE A 304 2.10 -16.36 -2.96
C ILE A 304 1.10 -17.53 -2.98
N GLY A 305 1.52 -18.71 -3.46
CA GLY A 305 0.64 -19.87 -3.51
C GLY A 305 0.64 -20.61 -2.24
N GLY A 306 0.19 -21.85 -2.29
CA GLY A 306 0.11 -22.66 -1.05
C GLY A 306 1.43 -23.38 -0.71
N ARG A 307 1.60 -23.70 0.56
CA ARG A 307 2.72 -24.49 1.08
C ARG A 307 4.11 -23.91 0.71
N CYS A 308 4.19 -22.60 0.57
CA CYS A 308 5.48 -21.92 0.39
C CYS A 308 6.20 -21.64 1.73
N VAL A 309 7.49 -21.29 1.65
CA VAL A 309 8.21 -20.77 2.81
C VAL A 309 8.78 -19.48 2.30
N VAL A 310 8.45 -18.38 2.94
CA VAL A 310 8.91 -17.09 2.52
C VAL A 310 9.66 -16.62 3.71
N GLY A 311 10.98 -16.60 3.55
CA GLY A 311 12.04 -17.02 4.53
C GLY A 311 12.25 -15.74 5.21
N PRO A 312 13.09 -15.65 6.22
CA PRO A 312 13.20 -14.37 6.86
C PRO A 312 13.77 -13.35 5.89
N ASP A 313 13.61 -12.12 6.26
CA ASP A 313 14.24 -11.03 5.54
C ASP A 313 14.13 -11.02 4.01
N THR A 314 12.92 -11.19 3.53
CA THR A 314 12.61 -11.19 2.10
C THR A 314 11.73 -9.95 1.83
N THR A 315 11.95 -9.25 0.70
CA THR A 315 11.03 -8.15 0.29
C THR A 315 10.65 -8.49 -1.13
N LEU A 316 9.37 -8.62 -1.41
CA LEU A 316 8.90 -8.95 -2.75
C LEU A 316 7.85 -7.89 -3.11
N THR A 317 8.01 -7.25 -4.27
CA THR A 317 6.99 -6.32 -4.74
C THR A 317 6.48 -6.78 -6.12
N ASP A 318 5.18 -7.00 -6.27
CA ASP A 318 4.61 -7.52 -7.55
C ASP A 318 5.34 -8.80 -8.01
N VAL A 319 5.51 -9.79 -7.11
CA VAL A 319 6.17 -11.03 -7.49
C VAL A 319 5.11 -12.15 -7.32
N ALA A 320 5.03 -13.03 -8.32
CA ALA A 320 4.16 -14.20 -8.30
C ALA A 320 5.01 -15.40 -7.92
N VAL A 321 4.56 -16.18 -6.96
CA VAL A 321 5.32 -17.35 -6.49
C VAL A 321 4.34 -18.50 -6.50
N GLY A 322 4.68 -19.63 -7.15
CA GLY A 322 3.72 -20.77 -7.24
C GLY A 322 3.56 -21.47 -5.89
N ASP A 323 3.03 -22.69 -5.91
CA ASP A 323 2.87 -23.49 -4.70
C ASP A 323 4.19 -24.22 -4.33
N GLY A 324 4.46 -24.39 -3.06
CA GLY A 324 5.58 -25.31 -2.59
C GLY A 324 6.94 -24.68 -2.84
N ALA A 325 6.99 -23.38 -3.19
CA ALA A 325 8.29 -22.70 -3.47
C ALA A 325 8.92 -22.14 -2.19
N SER A 326 10.23 -21.92 -2.23
CA SER A 326 10.98 -21.42 -1.06
C SER A 326 11.64 -20.08 -1.55
N VAL A 327 11.45 -18.99 -0.79
CA VAL A 327 11.91 -17.67 -1.21
C VAL A 327 12.44 -16.94 0.05
N VAL A 328 13.72 -17.13 0.24
CA VAL A 328 14.32 -16.90 1.54
C VAL A 328 15.39 -15.81 1.35
N ARG A 329 15.49 -14.85 2.27
CA ARG A 329 16.43 -13.74 2.20
C ARG A 329 16.57 -13.23 0.79
N THR A 330 15.44 -12.91 0.16
CA THR A 330 15.42 -12.55 -1.25
C THR A 330 14.86 -11.09 -1.37
N HIS A 331 15.41 -10.29 -2.26
CA HIS A 331 14.89 -8.98 -2.56
C HIS A 331 14.46 -9.02 -4.03
N GLY A 332 13.16 -8.87 -4.34
CA GLY A 332 12.68 -9.19 -5.73
C GLY A 332 11.53 -8.27 -6.11
N SER A 333 11.47 -7.89 -7.40
CA SER A 333 10.33 -7.18 -7.90
C SER A 333 9.97 -7.63 -9.31
N SER A 334 8.69 -7.48 -9.63
CA SER A 334 8.11 -7.73 -10.97
C SER A 334 8.70 -8.99 -11.64
N SER A 335 8.50 -10.16 -11.00
CA SER A 335 9.18 -11.43 -11.33
C SER A 335 8.20 -12.57 -11.06
N SER A 336 8.36 -13.73 -11.69
CA SER A 336 7.55 -14.86 -11.24
C SER A 336 8.48 -16.00 -10.86
N ILE A 337 8.04 -16.81 -9.90
CA ILE A 337 8.84 -17.94 -9.36
C ILE A 337 7.88 -19.15 -9.41
N GLY A 338 8.24 -20.20 -10.17
CA GLY A 338 7.31 -21.32 -10.40
C GLY A 338 7.16 -22.21 -9.19
N ASP A 339 6.23 -23.17 -9.31
CA ASP A 339 5.93 -24.13 -8.27
C ASP A 339 7.17 -24.91 -7.89
N GLY A 340 7.40 -25.13 -6.60
CA GLY A 340 8.52 -25.98 -6.17
C GLY A 340 9.91 -25.30 -6.39
N ALA A 341 9.98 -24.05 -6.82
CA ALA A 341 11.29 -23.50 -7.09
C ALA A 341 11.97 -23.08 -5.76
N ALA A 342 13.30 -22.93 -5.77
CA ALA A 342 14.02 -22.49 -4.55
C ALA A 342 14.84 -21.22 -4.87
N VAL A 343 14.59 -20.17 -4.11
CA VAL A 343 15.28 -18.91 -4.32
C VAL A 343 15.88 -18.50 -2.95
N GLY A 344 17.15 -18.06 -2.93
CA GLY A 344 17.80 -17.55 -1.73
C GLY A 344 18.71 -18.63 -1.13
N PRO A 345 19.37 -18.32 -0.01
CA PRO A 345 19.31 -17.00 0.60
C PRO A 345 20.25 -16.02 -0.12
N PHE A 346 19.95 -14.72 0.00
CA PHE A 346 20.76 -13.62 -0.61
C PHE A 346 20.69 -13.62 -2.14
N THR A 347 19.47 -13.42 -2.62
CA THR A 347 19.20 -13.46 -4.08
C THR A 347 18.47 -12.17 -4.43
N TYR A 348 18.86 -11.53 -5.53
CA TYR A 348 18.23 -10.27 -5.96
C TYR A 348 17.51 -10.56 -7.30
N LEU A 349 16.19 -10.36 -7.34
CA LEU A 349 15.45 -10.48 -8.60
C LEU A 349 15.00 -9.12 -9.07
N ARG A 350 15.47 -8.73 -10.23
CA ARG A 350 15.08 -7.48 -10.89
C ARG A 350 13.96 -7.71 -11.91
N PRO A 351 13.24 -6.62 -12.29
CA PRO A 351 12.05 -6.88 -13.09
C PRO A 351 12.28 -7.82 -14.30
N GLY A 352 11.26 -8.60 -14.63
CA GLY A 352 11.24 -9.41 -15.85
C GLY A 352 11.95 -10.74 -15.61
N THR A 353 12.25 -11.07 -14.36
CA THR A 353 12.78 -12.40 -14.04
C THR A 353 11.62 -13.43 -14.06
N ALA A 354 11.77 -14.53 -14.80
CA ALA A 354 10.79 -15.62 -14.75
C ALA A 354 11.54 -16.95 -14.53
N LEU A 355 11.36 -17.54 -13.36
CA LEU A 355 12.04 -18.76 -12.98
C LEU A 355 11.01 -19.94 -13.03
N GLY A 356 11.30 -20.97 -13.83
CA GLY A 356 10.33 -22.13 -13.94
C GLY A 356 10.15 -22.93 -12.68
N ALA A 357 9.12 -23.79 -12.66
CA ALA A 357 8.91 -24.78 -11.65
C ALA A 357 10.20 -25.55 -11.40
N ASP A 358 10.46 -25.83 -10.13
CA ASP A 358 11.60 -26.56 -9.67
C ASP A 358 12.92 -25.94 -10.00
N GLY A 359 12.92 -24.66 -10.41
CA GLY A 359 14.14 -23.94 -10.70
C GLY A 359 14.86 -23.53 -9.42
N LYS A 360 16.15 -23.13 -9.53
CA LYS A 360 16.85 -22.70 -8.30
C LYS A 360 17.65 -21.50 -8.65
N LEU A 361 17.51 -20.44 -7.85
CA LEU A 361 18.41 -19.27 -7.88
C LEU A 361 19.03 -19.09 -6.49
N GLY A 362 20.33 -19.38 -6.36
CA GLY A 362 21.00 -19.57 -5.05
C GLY A 362 21.65 -18.31 -4.51
N ALA A 363 22.60 -18.48 -3.58
CA ALA A 363 23.11 -17.38 -2.83
C ALA A 363 24.03 -16.53 -3.70
N PHE A 364 23.86 -15.21 -3.60
CA PHE A 364 24.66 -14.20 -4.30
C PHE A 364 24.45 -14.28 -5.83
N VAL A 365 23.21 -14.53 -6.20
CA VAL A 365 22.79 -14.58 -7.58
C VAL A 365 21.83 -13.40 -7.79
N GLU A 366 22.01 -12.71 -8.91
CA GLU A 366 21.08 -11.63 -9.30
C GLU A 366 20.60 -12.01 -10.69
N VAL A 367 19.33 -11.81 -10.98
CA VAL A 367 18.76 -12.06 -12.37
C VAL A 367 17.96 -10.82 -12.69
N LYS A 368 18.00 -10.40 -13.96
CA LYS A 368 17.31 -9.23 -14.48
C LYS A 368 16.82 -9.64 -15.88
N ASN A 369 15.51 -9.47 -16.12
CA ASN A 369 14.97 -9.61 -17.48
C ASN A 369 15.40 -10.90 -18.19
N SER A 370 15.31 -12.05 -17.51
CA SER A 370 15.74 -13.31 -18.04
C SER A 370 14.65 -14.33 -17.74
N THR A 371 14.51 -15.29 -18.67
CA THR A 371 13.61 -16.42 -18.46
C THR A 371 14.50 -17.65 -18.21
N ILE A 372 14.16 -18.43 -17.19
CA ILE A 372 14.96 -19.55 -16.76
C ILE A 372 14.02 -20.74 -16.65
N GLY A 373 14.33 -21.84 -17.37
CA GLY A 373 13.34 -22.89 -17.63
C GLY A 373 13.22 -23.84 -16.49
N THR A 374 12.16 -24.65 -16.57
CA THR A 374 11.86 -25.66 -15.59
C THR A 374 13.10 -26.41 -15.14
N GLY A 375 13.25 -26.57 -13.83
CA GLY A 375 14.32 -27.39 -13.31
C GLY A 375 15.73 -26.85 -13.52
N THR A 376 15.90 -25.64 -14.04
CA THR A 376 17.27 -25.08 -14.21
C THR A 376 17.84 -24.47 -12.89
N LYS A 377 19.13 -24.70 -12.62
CA LYS A 377 19.76 -24.17 -11.37
C LYS A 377 20.88 -23.18 -11.70
N VAL A 378 20.82 -22.05 -11.02
CA VAL A 378 21.88 -21.04 -11.05
C VAL A 378 22.22 -20.90 -9.57
N PRO A 379 23.06 -21.78 -9.05
CA PRO A 379 23.21 -21.86 -7.60
C PRO A 379 24.15 -20.87 -6.91
N HIS A 380 25.13 -20.25 -7.61
CA HIS A 380 26.13 -19.48 -6.87
C HIS A 380 26.73 -18.30 -7.59
N LEU A 381 26.76 -17.15 -6.92
CA LEU A 381 27.68 -16.02 -7.27
C LEU A 381 27.61 -15.71 -8.77
N THR A 382 26.41 -15.55 -9.26
CA THR A 382 26.26 -15.33 -10.71
C THR A 382 25.25 -14.23 -11.08
N TYR A 383 25.57 -13.51 -12.14
CA TYR A 383 24.67 -12.50 -12.71
C TYR A 383 24.11 -13.03 -14.03
N VAL A 384 22.79 -13.11 -14.10
CA VAL A 384 22.06 -13.47 -15.30
C VAL A 384 21.26 -12.28 -15.78
N GLY A 385 21.66 -11.68 -16.91
CA GLY A 385 20.92 -10.52 -17.42
C GLY A 385 20.55 -10.74 -18.87
N ASP A 386 19.31 -10.39 -19.20
CA ASP A 386 18.79 -10.37 -20.59
C ASP A 386 19.05 -11.72 -21.30
N ALA A 387 18.75 -12.82 -20.63
CA ALA A 387 19.14 -14.13 -21.20
C ALA A 387 17.94 -15.05 -21.11
N ASP A 388 17.87 -16.02 -22.02
CA ASP A 388 16.87 -17.07 -21.93
C ASP A 388 17.62 -18.40 -21.81
N ILE A 389 17.27 -19.18 -20.80
CA ILE A 389 17.94 -20.42 -20.48
C ILE A 389 16.84 -21.49 -20.46
N GLY A 390 17.15 -22.67 -21.03
CA GLY A 390 16.17 -23.74 -21.19
C GLY A 390 16.01 -24.52 -19.93
N GLU A 391 15.55 -25.76 -20.07
CA GLU A 391 15.13 -26.58 -18.96
C GLU A 391 16.22 -27.49 -18.51
N TYR A 392 16.25 -27.81 -17.24
CA TYR A 392 17.17 -28.82 -16.65
C TYR A 392 18.64 -28.50 -16.89
N SER A 393 18.96 -27.22 -16.98
CA SER A 393 20.34 -26.80 -17.23
C SER A 393 21.02 -26.40 -15.92
N ASN A 394 22.34 -26.30 -15.94
CA ASN A 394 23.04 -25.97 -14.69
C ASN A 394 24.12 -24.93 -14.98
N ILE A 395 24.00 -23.75 -14.35
CA ILE A 395 24.96 -22.70 -14.61
C ILE A 395 25.99 -22.71 -13.46
N GLY A 396 27.25 -22.91 -13.82
CA GLY A 396 28.37 -23.01 -12.83
C GLY A 396 28.53 -21.71 -12.07
N ALA A 397 29.07 -21.87 -10.87
CA ALA A 397 29.25 -20.80 -9.91
C ALA A 397 30.10 -19.66 -10.49
N SER A 398 29.83 -18.40 -10.08
CA SER A 398 30.77 -17.30 -10.41
C SER A 398 30.79 -16.98 -11.91
N SER A 399 29.62 -16.93 -12.52
CA SER A 399 29.57 -16.79 -13.97
C SER A 399 28.83 -15.45 -14.21
N VAL A 400 28.93 -14.95 -15.42
CA VAL A 400 28.27 -13.68 -15.78
C VAL A 400 27.70 -13.78 -17.21
N PHE A 401 26.41 -13.44 -17.39
CA PHE A 401 25.86 -13.20 -18.72
C PHE A 401 26.06 -11.70 -19.02
N VAL A 402 27.13 -11.41 -19.78
CA VAL A 402 27.56 -10.05 -20.10
C VAL A 402 26.71 -9.53 -21.22
N ASN A 403 25.73 -8.69 -20.87
CA ASN A 403 24.78 -8.15 -21.83
C ASN A 403 25.39 -6.97 -22.52
N ARG A 411 20.69 -10.44 -26.30
CA ARG A 411 20.11 -11.68 -25.81
C ARG A 411 21.06 -12.86 -26.03
N THR A 412 21.17 -13.73 -25.03
CA THR A 412 22.01 -14.86 -25.11
C THR A 412 20.95 -15.90 -24.87
N THR A 413 21.07 -17.02 -25.57
CA THR A 413 20.15 -18.08 -25.42
C THR A 413 20.97 -19.29 -25.00
N VAL A 414 20.52 -20.02 -23.98
CA VAL A 414 21.18 -21.21 -23.57
C VAL A 414 20.14 -22.28 -23.59
N GLY A 415 20.43 -23.44 -24.19
CA GLY A 415 19.40 -24.52 -24.35
C GLY A 415 19.17 -25.34 -23.09
N SER A 416 18.56 -26.51 -23.25
CA SER A 416 18.22 -27.39 -22.17
C SER A 416 19.33 -28.41 -21.92
N HIS A 417 19.38 -28.94 -20.70
CA HIS A 417 20.36 -29.94 -20.23
C HIS A 417 21.80 -29.46 -20.44
N VAL A 418 21.99 -28.16 -20.57
CA VAL A 418 23.34 -27.58 -20.62
C VAL A 418 24.06 -27.63 -19.22
N ARG A 419 25.39 -27.87 -19.19
CA ARG A 419 26.13 -27.71 -17.94
C ARG A 419 27.32 -26.81 -18.21
N THR A 420 27.26 -25.59 -17.69
CA THR A 420 28.34 -24.59 -17.95
C THR A 420 29.30 -24.58 -16.73
N GLY A 421 30.58 -24.49 -16.97
CA GLY A 421 31.58 -24.60 -15.91
C GLY A 421 31.64 -23.28 -15.15
N SER A 422 32.15 -23.34 -13.92
CA SER A 422 32.31 -22.19 -13.05
C SER A 422 33.17 -21.18 -13.78
N ASP A 423 33.03 -19.91 -13.43
CA ASP A 423 33.83 -18.84 -14.02
C ASP A 423 33.72 -18.79 -15.58
N THR A 424 32.51 -19.07 -16.12
CA THR A 424 32.19 -18.79 -17.55
C THR A 424 31.53 -17.40 -17.74
N MET A 425 32.10 -16.60 -18.64
CA MET A 425 31.48 -15.37 -19.09
C MET A 425 30.79 -15.65 -20.45
N PHE A 426 29.54 -15.22 -20.62
CA PHE A 426 28.78 -15.38 -21.87
C PHE A 426 28.68 -13.99 -22.43
N VAL A 427 29.43 -13.69 -23.49
CA VAL A 427 29.43 -12.32 -24.07
C VAL A 427 28.30 -12.29 -25.13
N ALA A 428 27.19 -11.63 -24.75
CA ALA A 428 26.00 -11.54 -25.60
C ALA A 428 26.41 -10.89 -26.91
N PRO A 429 25.72 -11.25 -28.00
CA PRO A 429 24.71 -12.29 -28.04
C PRO A 429 25.38 -13.63 -28.44
N VAL A 430 24.91 -14.75 -27.87
CA VAL A 430 25.57 -16.03 -28.07
C VAL A 430 24.52 -17.08 -27.86
N THR A 431 24.62 -18.18 -28.59
CA THR A 431 23.67 -19.28 -28.40
C THR A 431 24.37 -20.54 -27.97
N ILE A 432 23.88 -21.17 -26.90
CA ILE A 432 24.52 -22.41 -26.42
C ILE A 432 23.51 -23.49 -26.64
N GLY A 433 23.84 -24.45 -27.50
CA GLY A 433 22.93 -25.54 -27.82
C GLY A 433 22.68 -26.52 -26.72
N ASP A 434 21.57 -27.25 -26.88
CA ASP A 434 21.15 -28.21 -25.92
C ASP A 434 22.26 -29.20 -25.59
N GLY A 435 22.39 -29.56 -24.31
CA GLY A 435 23.32 -30.59 -23.88
C GLY A 435 24.80 -30.16 -23.99
N ALA A 436 25.09 -28.93 -24.45
CA ALA A 436 26.50 -28.38 -24.42
C ALA A 436 27.06 -28.17 -23.00
N TYR A 437 28.39 -28.19 -22.92
CA TYR A 437 29.14 -27.98 -21.68
C TYR A 437 30.09 -26.82 -21.97
N THR A 438 30.53 -26.16 -20.92
CA THR A 438 31.61 -25.14 -21.01
C THR A 438 32.64 -25.55 -19.98
N GLY A 439 33.93 -25.31 -20.19
CA GLY A 439 34.93 -25.74 -19.18
C GLY A 439 34.96 -24.65 -18.10
N ALA A 440 35.55 -24.92 -16.94
CA ALA A 440 35.69 -23.83 -15.93
C ALA A 440 36.61 -22.74 -16.53
N GLY A 441 36.26 -21.48 -16.35
CA GLY A 441 37.11 -20.39 -16.72
C GLY A 441 37.06 -20.13 -18.22
N THR A 442 35.90 -20.38 -18.85
CA THR A 442 35.71 -20.08 -20.30
C THR A 442 35.10 -18.70 -20.59
N VAL A 443 35.71 -17.94 -21.51
CA VAL A 443 35.01 -16.80 -22.06
C VAL A 443 34.32 -17.20 -23.35
N VAL A 444 33.00 -17.22 -23.34
CA VAL A 444 32.24 -17.65 -24.50
C VAL A 444 31.80 -16.43 -25.32
N ARG A 445 32.37 -16.28 -26.52
CA ARG A 445 32.13 -15.15 -27.42
C ARG A 445 31.47 -15.61 -28.71
N GLU A 446 31.44 -16.91 -28.92
CA GLU A 446 30.78 -17.51 -30.07
C GLU A 446 29.85 -18.62 -29.74
N ASP A 447 28.92 -18.90 -30.67
CA ASP A 447 27.98 -20.01 -30.54
C ASP A 447 28.65 -21.31 -30.23
N VAL A 448 27.96 -22.17 -29.49
CA VAL A 448 28.48 -23.45 -29.04
C VAL A 448 27.39 -24.43 -29.53
N PRO A 449 27.74 -25.28 -30.52
CA PRO A 449 26.82 -26.34 -30.97
C PRO A 449 26.29 -27.25 -29.85
N PRO A 450 25.07 -27.80 -30.05
CA PRO A 450 24.55 -28.79 -29.11
C PRO A 450 25.58 -29.92 -28.83
N GLY A 451 25.72 -30.32 -27.57
CA GLY A 451 26.65 -31.42 -27.22
C GLY A 451 28.13 -31.11 -27.40
N ALA A 452 28.48 -29.90 -27.81
CA ALA A 452 29.86 -29.48 -27.92
C ALA A 452 30.40 -29.09 -26.50
N LEU A 453 31.71 -29.17 -26.29
CA LEU A 453 32.29 -28.58 -25.10
C LEU A 453 33.10 -27.34 -25.57
N ALA A 454 32.84 -26.16 -24.97
CA ALA A 454 33.54 -24.92 -25.30
C ALA A 454 34.54 -24.61 -24.20
N VAL A 455 35.78 -24.33 -24.60
CA VAL A 455 36.86 -24.08 -23.60
C VAL A 455 37.68 -22.89 -24.05
N SER A 456 38.40 -22.27 -23.11
CA SER A 456 39.37 -21.25 -23.49
C SER A 456 40.49 -21.05 -22.49
N ALA A 457 40.39 -21.64 -21.30
CA ALA A 457 41.46 -21.50 -20.30
C ALA A 457 42.73 -22.23 -20.78
N GLY A 458 43.92 -21.66 -20.56
CA GLY A 458 45.18 -22.32 -20.89
C GLY A 458 45.51 -23.40 -19.85
N PRO A 459 46.53 -24.22 -20.10
CA PRO A 459 46.83 -25.33 -19.20
C PRO A 459 47.48 -24.89 -17.86
N GLN A 460 47.28 -25.66 -16.81
CA GLN A 460 47.96 -25.36 -15.54
C GLN A 460 49.47 -25.62 -15.69
N ARG A 461 50.29 -24.70 -15.21
CA ARG A 461 51.72 -24.92 -15.08
C ARG A 461 52.09 -24.82 -13.60
N ASN A 462 52.76 -25.82 -13.05
CA ASN A 462 53.30 -25.67 -11.68
C ASN A 462 54.74 -25.20 -11.70
N ILE A 463 55.07 -24.20 -10.88
CA ILE A 463 56.43 -23.66 -10.79
C ILE A 463 56.99 -24.09 -9.46
N GLU A 464 57.79 -25.16 -9.46
CA GLU A 464 58.30 -25.73 -8.23
C GLU A 464 59.23 -24.81 -7.47
N ASN A 465 59.09 -24.81 -6.13
CA ASN A 465 59.91 -24.01 -5.22
C ASN A 465 59.84 -22.54 -5.43
N TRP A 466 58.76 -22.07 -6.09
CA TRP A 466 58.59 -20.62 -6.34
C TRP A 466 58.60 -19.82 -5.03
N VAL A 467 57.94 -20.41 -4.03
CA VAL A 467 57.76 -19.77 -2.76
C VAL A 467 59.09 -19.65 -1.97
N GLN A 468 59.91 -20.71 -1.94
CA GLN A 468 61.25 -20.65 -1.34
C GLN A 468 61.97 -19.46 -1.96
N ARG A 469 61.88 -19.29 -3.29
CA ARG A 469 62.65 -18.21 -3.98
C ARG A 469 62.10 -16.80 -3.81
N LYS A 470 60.78 -16.66 -3.90
CA LYS A 470 60.13 -15.34 -3.98
C LYS A 470 59.46 -14.91 -2.70
#